data_3QH4
#
_entry.id   3QH4
#
_cell.length_a   73.270
_cell.length_b   86.990
_cell.length_c   46.190
_cell.angle_alpha   90.000
_cell.angle_beta   90.000
_cell.angle_gamma   90.000
#
_symmetry.space_group_name_H-M   'P 21 21 2'
#
loop_
_entity.id
_entity.type
_entity.pdbx_description
1 polymer 'Esterase LipW'
2 water water
#
_entity_poly.entity_id   1
_entity_poly.type   'polypeptide(L)'
_entity_poly.pdbx_seq_one_letter_code
;GPGSMVTQPEAVDRLDPLLRAVATARIDFTAESILTIRESMNQRRREAAATETAAAGVAVADDVVTGEAGRPVPVRIYRA
APTPAPVVVYCHAGGFALGNLDTDHRQCLELARRARCAVVSVDYRLAPEHPYPAALHDAIEVLTWVVGNATRLGFDARRL
AVAGSSAGATLAAGLAHGAADGSLPPVIFQLLHQPVLDDRPTASRSEFRATPAFDGEAASLMWRHYLAGQTPSPESVPGR
RGQLAGLPATLITCGEIDPFRDEVLDYAQRLLGAGVSTELHIFPRACHGFDSLLPEWTTSQRLFAMQGHALADAFYP
;
_entity_poly.pdbx_strand_id   A
#
# COMPACT_ATOMS: atom_id res chain seq x y z
N SER A 4 -0.95 -11.99 -26.56
CA SER A 4 -0.48 -11.12 -27.68
C SER A 4 -1.26 -9.79 -27.68
N MET A 5 -2.36 -9.78 -28.42
CA MET A 5 -3.25 -8.62 -28.51
C MET A 5 -3.94 -8.40 -27.17
N VAL A 6 -4.16 -9.48 -26.43
CA VAL A 6 -4.80 -9.37 -25.10
C VAL A 6 -3.93 -8.51 -24.16
N THR A 7 -2.60 -8.69 -24.22
CA THR A 7 -1.64 -7.91 -23.44
C THR A 7 -1.55 -6.42 -23.82
N GLN A 8 -1.98 -6.06 -25.01
CA GLN A 8 -1.84 -4.68 -25.49
C GLN A 8 -2.70 -3.75 -24.65
N PRO A 9 -2.10 -2.70 -24.06
CA PRO A 9 -2.87 -1.85 -23.13
C PRO A 9 -3.77 -0.81 -23.76
N GLU A 10 -4.85 -0.49 -23.05
CA GLU A 10 -5.77 0.58 -23.46
C GLU A 10 -5.47 1.86 -22.74
N ALA A 11 -5.93 2.96 -23.35
CA ALA A 11 -5.91 4.31 -22.76
C ALA A 11 -4.50 4.89 -22.64
N VAL A 12 -3.56 4.37 -23.42
CA VAL A 12 -2.18 4.87 -23.30
C VAL A 12 -2.05 6.34 -23.70
N ASP A 13 -2.94 6.80 -24.57
CA ASP A 13 -2.95 8.20 -25.00
C ASP A 13 -3.26 9.15 -23.84
N ARG A 14 -3.86 8.61 -22.76
CA ARG A 14 -4.23 9.44 -21.63
C ARG A 14 -3.13 9.54 -20.59
N LEU A 15 -1.98 8.92 -20.88
CA LEU A 15 -0.84 8.95 -19.95
C LEU A 15 0.17 9.96 -20.44
N ASP A 16 0.90 10.55 -19.48
CA ASP A 16 2.05 11.38 -19.82
C ASP A 16 3.00 10.58 -20.74
N PRO A 17 3.56 11.24 -21.78
CA PRO A 17 4.46 10.51 -22.68
C PRO A 17 5.63 9.82 -21.96
N LEU A 18 6.14 10.40 -20.87
CA LEU A 18 7.27 9.77 -20.18
C LEU A 18 6.82 8.46 -19.55
N LEU A 19 5.60 8.47 -19.02
CA LEU A 19 5.06 7.28 -18.42
C LEU A 19 4.59 6.28 -19.46
N ARG A 20 3.99 6.78 -20.54
CA ARG A 20 3.58 5.96 -21.68
C ARG A 20 4.72 5.10 -22.20
N ALA A 21 5.95 5.60 -22.16
CA ALA A 21 7.09 4.87 -22.68
C ALA A 21 7.40 3.59 -21.92
N VAL A 22 7.01 3.54 -20.64
CA VAL A 22 7.27 2.36 -19.79
C VAL A 22 6.04 1.55 -19.41
N ALA A 23 4.86 2.13 -19.59
CA ALA A 23 3.61 1.45 -19.26
C ALA A 23 3.06 0.76 -20.50
N THR A 24 3.78 -0.28 -20.97
CA THR A 24 3.52 -0.84 -22.30
C THR A 24 2.78 -2.17 -22.30
N ALA A 25 2.47 -2.68 -21.11
CA ALA A 25 1.80 -3.98 -21.02
C ALA A 25 0.78 -4.05 -19.91
N ARG A 26 -0.32 -4.74 -20.21
CA ARG A 26 -1.28 -5.15 -19.17
C ARG A 26 -0.65 -6.25 -18.32
N ILE A 27 -1.06 -6.31 -17.06
CA ILE A 27 -0.73 -7.47 -16.21
C ILE A 27 -1.66 -8.61 -16.53
N ASP A 28 -1.22 -9.82 -16.25
CA ASP A 28 -2.07 -11.00 -16.32
C ASP A 28 -2.14 -11.50 -14.86
N PHE A 29 -3.33 -11.52 -14.27
CA PHE A 29 -3.42 -11.83 -12.84
C PHE A 29 -4.05 -13.18 -12.57
N THR A 30 -3.92 -14.10 -13.54
CA THR A 30 -4.30 -15.50 -13.27
C THR A 30 -3.29 -16.11 -12.28
N ALA A 31 -3.70 -17.17 -11.59
CA ALA A 31 -2.82 -17.86 -10.66
C ALA A 31 -1.51 -18.31 -11.30
N GLU A 32 -1.56 -18.92 -12.48
CA GLU A 32 -0.34 -19.34 -13.20
C GLU A 32 0.62 -18.17 -13.52
N SER A 33 0.04 -17.06 -13.96
CA SER A 33 0.82 -15.86 -14.25
C SER A 33 1.46 -15.29 -12.99
N ILE A 34 0.70 -15.31 -11.88
CA ILE A 34 1.21 -14.83 -10.59
C ILE A 34 2.51 -15.52 -10.21
N LEU A 35 2.58 -16.83 -10.38
CA LEU A 35 3.83 -17.55 -10.08
C LEU A 35 5.01 -17.05 -10.91
N THR A 36 4.78 -16.77 -12.19
CA THR A 36 5.84 -16.34 -13.07
C THR A 36 6.28 -14.91 -12.74
N ILE A 37 5.31 -14.07 -12.41
CA ILE A 37 5.61 -12.67 -12.06
C ILE A 37 6.47 -12.62 -10.79
N ARG A 38 6.11 -13.43 -9.79
CA ARG A 38 6.87 -13.42 -8.53
C ARG A 38 8.36 -13.57 -8.79
N GLU A 39 8.70 -14.53 -9.64
CA GLU A 39 10.11 -14.84 -9.89
C GLU A 39 10.86 -13.69 -10.53
N SER A 40 10.27 -13.12 -11.58
CA SER A 40 10.95 -12.06 -12.34
C SER A 40 10.98 -10.73 -11.53
N MET A 41 9.85 -10.39 -10.92
CA MET A 41 9.71 -9.15 -10.16
C MET A 41 10.64 -9.18 -8.94
N ASN A 42 10.67 -10.31 -8.24
CA ASN A 42 11.50 -10.39 -7.04
C ASN A 42 13.01 -10.32 -7.40
N GLN A 43 13.40 -10.93 -8.51
CA GLN A 43 14.81 -10.87 -8.93
C GLN A 43 15.21 -9.43 -9.26
N ARG A 44 14.36 -8.74 -10.02
CA ARG A 44 14.66 -7.37 -10.43
C ARG A 44 14.72 -6.45 -9.19
N ARG A 45 13.75 -6.59 -8.29
CA ARG A 45 13.67 -5.69 -7.14
C ARG A 45 14.81 -5.97 -6.15
N ARG A 46 15.23 -7.23 -6.01
CA ARG A 46 16.37 -7.55 -5.12
C ARG A 46 17.61 -6.78 -5.60
N GLU A 47 17.83 -6.82 -6.91
CA GLU A 47 18.97 -6.16 -7.55
C GLU A 47 18.93 -4.63 -7.36
N ALA A 48 17.74 -4.05 -7.44
CA ALA A 48 17.60 -2.59 -7.41
C ALA A 48 17.65 -2.07 -5.97
N ALA A 49 17.20 -2.90 -5.02
CA ALA A 49 17.07 -2.43 -3.64
C ALA A 49 18.42 -2.00 -3.02
N ALA A 50 19.49 -2.73 -3.30
CA ALA A 50 20.80 -2.41 -2.75
C ALA A 50 21.29 -1.03 -3.23
N THR A 51 21.13 -0.76 -4.52
CA THR A 51 21.51 0.54 -5.09
C THR A 51 20.72 1.66 -4.43
N GLU A 52 19.42 1.39 -4.22
CA GLU A 52 18.52 2.36 -3.61
C GLU A 52 18.91 2.71 -2.19
N THR A 53 19.22 1.68 -1.41
CA THR A 53 19.70 1.87 -0.03
C THR A 53 21.00 2.69 0.00
N ALA A 54 21.92 2.38 -0.91
CA ALA A 54 23.20 3.12 -0.96
C ALA A 54 23.00 4.61 -1.19
N ALA A 55 21.98 4.96 -1.99
CA ALA A 55 21.72 6.35 -2.35
C ALA A 55 20.98 7.14 -1.25
N ALA A 56 20.11 6.48 -0.51
CA ALA A 56 19.18 7.21 0.36
C ALA A 56 19.80 7.70 1.67
N GLY A 57 20.79 6.94 2.17
CA GLY A 57 21.37 7.26 3.48
C GLY A 57 20.42 7.00 4.64
N VAL A 58 19.43 6.14 4.43
CA VAL A 58 18.49 5.76 5.49
C VAL A 58 18.95 4.39 6.03
N ALA A 59 19.12 4.26 7.34
CA ALA A 59 19.56 2.96 7.90
C ALA A 59 18.46 1.92 7.68
N VAL A 60 18.86 0.73 7.24
CA VAL A 60 17.92 -0.35 6.92
C VAL A 60 18.39 -1.61 7.63
N ALA A 61 17.46 -2.33 8.26
CA ALA A 61 17.77 -3.63 8.89
C ALA A 61 16.61 -4.59 8.70
N ASP A 62 16.89 -5.82 8.26
CA ASP A 62 15.86 -6.85 8.17
C ASP A 62 15.78 -7.58 9.48
N ASP A 63 14.56 -7.84 9.92
CA ASP A 63 14.28 -8.55 11.18
C ASP A 63 13.07 -9.48 11.00
N VAL A 64 12.66 -10.14 12.08
CA VAL A 64 11.54 -11.06 12.05
C VAL A 64 10.69 -10.86 13.32
N VAL A 65 9.38 -10.97 13.16
CA VAL A 65 8.47 -10.97 14.29
C VAL A 65 8.04 -12.43 14.33
N THR A 66 8.54 -13.21 15.29
CA THR A 66 8.25 -14.66 15.25
C THR A 66 7.02 -14.92 16.09
N GLY A 67 6.11 -15.71 15.54
CA GLY A 67 4.78 -15.87 16.13
C GLY A 67 4.74 -17.06 17.07
N GLU A 68 3.63 -17.22 17.78
CA GLU A 68 3.46 -18.34 18.70
C GLU A 68 3.58 -19.70 18.00
N ALA A 69 3.13 -19.79 16.75
CA ALA A 69 3.11 -21.09 16.04
C ALA A 69 4.45 -21.46 15.38
N GLY A 70 5.43 -20.56 15.45
CA GLY A 70 6.82 -20.95 15.20
C GLY A 70 7.49 -20.49 13.91
N ARG A 71 6.74 -19.76 13.09
CA ARG A 71 7.29 -19.04 11.93
C ARG A 71 7.05 -17.53 12.01
N PRO A 72 8.13 -16.76 11.83
CA PRO A 72 8.01 -15.32 11.94
C PRO A 72 7.39 -14.62 10.72
N VAL A 73 6.98 -13.38 10.93
CA VAL A 73 6.65 -12.49 9.85
C VAL A 73 7.92 -11.64 9.68
N PRO A 74 8.61 -11.73 8.51
CA PRO A 74 9.78 -10.87 8.29
C PRO A 74 9.36 -9.41 8.15
N VAL A 75 10.26 -8.54 8.58
CA VAL A 75 10.05 -7.10 8.47
C VAL A 75 11.32 -6.46 7.98
N ARG A 76 11.17 -5.29 7.35
CA ARG A 76 12.33 -4.44 7.05
C ARG A 76 12.14 -3.13 7.79
N ILE A 77 13.16 -2.74 8.55
CA ILE A 77 13.04 -1.55 9.36
C ILE A 77 13.92 -0.45 8.77
N TYR A 78 13.30 0.70 8.52
CA TYR A 78 13.99 1.87 7.95
C TYR A 78 14.05 2.92 9.03
N ARG A 79 15.24 3.49 9.29
CA ARG A 79 15.33 4.51 10.33
C ARG A 79 15.99 5.77 9.75
N ALA A 80 15.25 6.88 9.78
CA ALA A 80 15.78 8.17 9.30
C ALA A 80 15.50 9.30 10.30
N ALA A 81 15.47 8.93 11.58
CA ALA A 81 15.31 9.92 12.65
C ALA A 81 15.91 9.35 13.92
N PRO A 82 16.38 10.22 14.83
CA PRO A 82 16.93 9.73 16.10
C PRO A 82 15.86 9.10 17.00
N THR A 83 16.30 8.21 17.88
CA THR A 83 15.45 7.59 18.88
C THR A 83 14.96 8.65 19.87
N PRO A 84 13.70 8.55 20.34
CA PRO A 84 12.64 7.63 19.87
C PRO A 84 11.94 8.25 18.67
N ALA A 85 11.90 7.50 17.57
CA ALA A 85 11.43 7.99 16.30
C ALA A 85 9.94 7.70 16.14
N PRO A 86 9.18 8.66 15.56
CA PRO A 86 7.81 8.32 15.15
C PRO A 86 7.89 7.20 14.12
N VAL A 87 6.86 6.37 14.01
CA VAL A 87 7.03 5.13 13.25
C VAL A 87 5.81 4.84 12.41
N VAL A 88 6.04 4.35 11.20
CA VAL A 88 4.96 3.98 10.28
C VAL A 88 5.01 2.48 10.06
N VAL A 89 3.88 1.78 10.19
CA VAL A 89 3.84 0.36 9.80
C VAL A 89 3.31 0.34 8.38
N TYR A 90 4.09 -0.20 7.45
CA TYR A 90 3.82 -0.12 6.00
C TYR A 90 3.59 -1.50 5.39
N CYS A 91 2.60 -1.59 4.48
CA CYS A 91 2.30 -2.84 3.73
C CYS A 91 2.39 -2.56 2.24
N HIS A 92 3.21 -3.36 1.54
CA HIS A 92 3.52 -3.16 0.10
C HIS A 92 2.37 -3.53 -0.87
N ALA A 93 2.52 -3.08 -2.12
CA ALA A 93 1.60 -3.33 -3.23
C ALA A 93 1.78 -4.74 -3.78
N GLY A 94 0.86 -5.18 -4.64
CA GLY A 94 1.06 -6.50 -5.23
C GLY A 94 -0.22 -7.28 -5.34
N GLY A 95 -1.36 -6.61 -5.20
CA GLY A 95 -2.67 -7.28 -5.37
C GLY A 95 -2.93 -8.48 -4.48
N PHE A 96 -2.35 -8.42 -3.27
CA PHE A 96 -2.42 -9.49 -2.24
C PHE A 96 -1.68 -10.78 -2.60
N ALA A 97 -1.19 -10.87 -3.85
CA ALA A 97 -0.58 -12.10 -4.38
C ALA A 97 0.90 -12.00 -4.71
N LEU A 98 1.42 -10.78 -4.85
CA LEU A 98 2.82 -10.59 -5.27
C LEU A 98 3.62 -9.82 -4.23
N GLY A 99 4.94 -9.95 -4.31
CA GLY A 99 5.82 -9.02 -3.61
C GLY A 99 6.45 -9.54 -2.32
N ASN A 100 7.31 -8.71 -1.75
CA ASN A 100 8.09 -9.01 -0.55
C ASN A 100 8.70 -7.68 -0.07
N LEU A 101 9.74 -7.72 0.76
CA LEU A 101 10.33 -6.49 1.31
C LEU A 101 11.02 -5.58 0.28
N ASP A 102 11.35 -6.14 -0.88
CA ASP A 102 12.01 -5.34 -1.93
C ASP A 102 11.03 -4.56 -2.82
N THR A 103 9.75 -4.97 -2.79
CA THR A 103 8.79 -4.47 -3.78
C THR A 103 8.64 -2.96 -3.73
N ASP A 104 8.30 -2.45 -2.54
CA ASP A 104 8.09 -1.03 -2.32
C ASP A 104 9.23 -0.44 -1.48
N HIS A 105 10.41 -1.02 -1.65
CA HIS A 105 11.61 -0.51 -0.91
C HIS A 105 11.83 1.00 -1.18
N ARG A 106 11.71 1.43 -2.43
CA ARG A 106 11.92 2.85 -2.76
C ARG A 106 10.90 3.71 -2.01
N GLN A 107 9.62 3.32 -2.05
CA GLN A 107 8.58 4.05 -1.33
C GLN A 107 8.92 4.20 0.15
N CYS A 108 9.41 3.11 0.77
CA CYS A 108 9.73 3.11 2.19
C CYS A 108 10.88 4.07 2.47
N LEU A 109 11.89 4.05 1.61
CA LEU A 109 13.05 4.92 1.79
C LEU A 109 12.60 6.38 1.74
N GLU A 110 11.71 6.65 0.78
CA GLU A 110 11.22 8.03 0.59
C GLU A 110 10.41 8.49 1.77
N LEU A 111 9.53 7.62 2.29
CA LEU A 111 8.75 7.99 3.49
C LEU A 111 9.65 8.27 4.68
N ALA A 112 10.58 7.36 4.97
CA ALA A 112 11.44 7.50 6.14
C ALA A 112 12.20 8.82 6.10
N ARG A 113 12.84 9.08 4.97
CA ARG A 113 13.71 10.24 4.83
C ARG A 113 12.93 11.54 4.86
N ARG A 114 11.86 11.58 4.06
CA ARG A 114 11.13 12.83 3.91
C ARG A 114 10.26 13.21 5.11
N ALA A 115 9.70 12.19 5.78
CA ALA A 115 8.88 12.43 6.96
C ALA A 115 9.71 12.42 8.24
N ARG A 116 11.01 12.11 8.14
CA ARG A 116 11.90 12.00 9.32
C ARG A 116 11.34 11.03 10.34
N CYS A 117 11.30 9.75 9.96
CA CYS A 117 10.67 8.75 10.80
C CYS A 117 11.28 7.38 10.54
N ALA A 118 10.78 6.41 11.29
CA ALA A 118 11.06 5.01 11.05
C ALA A 118 9.87 4.40 10.29
N VAL A 119 10.18 3.41 9.47
CA VAL A 119 9.14 2.66 8.75
C VAL A 119 9.41 1.18 9.02
N VAL A 120 8.36 0.44 9.36
CA VAL A 120 8.49 -1.03 9.49
C VAL A 120 7.60 -1.62 8.40
N SER A 121 8.25 -2.26 7.41
CA SER A 121 7.55 -2.81 6.26
C SER A 121 7.29 -4.30 6.52
N VAL A 122 6.04 -4.72 6.26
CA VAL A 122 5.56 -6.07 6.60
C VAL A 122 5.68 -7.04 5.42
N ASP A 123 6.40 -8.14 5.60
CA ASP A 123 6.46 -9.17 4.55
C ASP A 123 5.31 -10.14 4.81
N TYR A 124 4.10 -9.71 4.45
CA TYR A 124 2.91 -10.51 4.72
C TYR A 124 2.73 -11.68 3.77
N ARG A 125 2.03 -12.71 4.26
CA ARG A 125 1.75 -13.90 3.47
C ARG A 125 0.81 -13.56 2.32
N LEU A 126 0.94 -14.34 1.25
CA LEU A 126 0.32 -14.04 -0.07
C LEU A 126 -0.73 -15.02 -0.50
N ALA A 127 -1.78 -14.45 -1.12
CA ALA A 127 -2.79 -15.19 -1.83
C ALA A 127 -2.21 -15.64 -3.18
N PRO A 128 -2.78 -16.69 -3.80
CA PRO A 128 -3.92 -17.49 -3.36
C PRO A 128 -3.62 -18.51 -2.25
N GLU A 129 -2.33 -18.73 -1.93
CA GLU A 129 -1.94 -19.77 -0.98
C GLU A 129 -2.41 -19.40 0.44
N HIS A 130 -2.43 -18.11 0.72
CA HIS A 130 -2.80 -17.63 2.03
C HIS A 130 -3.80 -16.48 1.89
N PRO A 131 -5.06 -16.81 1.65
CA PRO A 131 -6.07 -15.77 1.45
C PRO A 131 -6.43 -15.04 2.73
N TYR A 132 -7.31 -14.06 2.60
CA TYR A 132 -7.87 -13.34 3.76
C TYR A 132 -8.26 -14.38 4.84
N PRO A 133 -7.93 -14.11 6.12
CA PRO A 133 -7.28 -12.93 6.67
C PRO A 133 -5.77 -13.08 6.95
N ALA A 134 -5.03 -13.88 6.19
CA ALA A 134 -3.65 -14.17 6.57
C ALA A 134 -2.74 -12.92 6.62
N ALA A 135 -2.74 -12.15 5.54
CA ALA A 135 -1.91 -10.94 5.47
C ALA A 135 -2.33 -9.93 6.52
N LEU A 136 -3.64 -9.77 6.74
CA LEU A 136 -4.09 -8.82 7.76
C LEU A 136 -3.62 -9.29 9.14
N HIS A 137 -3.71 -10.59 9.40
CA HIS A 137 -3.16 -11.12 10.64
C HIS A 137 -1.68 -10.80 10.80
N ASP A 138 -0.92 -10.92 9.70
CA ASP A 138 0.51 -10.62 9.73
C ASP A 138 0.74 -9.15 10.02
N ALA A 139 0.00 -8.28 9.34
CA ALA A 139 0.13 -6.83 9.62
C ALA A 139 -0.15 -6.49 11.08
N ILE A 140 -1.18 -7.13 11.65
CA ILE A 140 -1.56 -6.89 13.05
C ILE A 140 -0.46 -7.35 13.97
N GLU A 141 0.11 -8.50 13.65
CA GLU A 141 1.21 -9.06 14.44
C GLU A 141 2.38 -8.08 14.46
N VAL A 142 2.70 -7.50 13.30
CA VAL A 142 3.81 -6.55 13.23
C VAL A 142 3.49 -5.28 14.00
N LEU A 143 2.29 -4.75 13.81
CA LEU A 143 1.93 -3.52 14.53
C LEU A 143 2.00 -3.72 16.07
N THR A 144 1.48 -4.84 16.56
CA THR A 144 1.53 -5.14 18.01
C THR A 144 2.98 -5.21 18.51
N TRP A 145 3.84 -5.82 17.71
CA TRP A 145 5.25 -5.98 18.03
C TRP A 145 5.98 -4.64 18.05
N VAL A 146 5.65 -3.76 17.10
CA VAL A 146 6.21 -2.41 17.04
C VAL A 146 5.91 -1.67 18.33
N VAL A 147 4.67 -1.75 18.78
CA VAL A 147 4.26 -0.99 19.95
C VAL A 147 4.81 -1.68 21.21
N GLY A 148 4.72 -3.02 21.27
CA GLY A 148 5.13 -3.75 22.48
C GLY A 148 6.62 -3.63 22.72
N ASN A 149 7.37 -3.42 21.65
CA ASN A 149 8.83 -3.37 21.74
C ASN A 149 9.38 -2.00 21.41
N ALA A 150 8.53 -0.97 21.50
CA ALA A 150 8.90 0.37 21.04
C ALA A 150 10.16 0.93 21.72
N THR A 151 10.31 0.67 23.02
CA THR A 151 11.46 1.20 23.77
C THR A 151 12.77 0.63 23.23
N ARG A 152 12.85 -0.69 23.17
CA ARG A 152 14.04 -1.38 22.66
C ARG A 152 14.34 -1.07 21.19
N LEU A 153 13.29 -0.96 20.38
CA LEU A 153 13.44 -0.68 18.94
C LEU A 153 13.71 0.79 18.60
N GLY A 154 13.51 1.69 19.56
CA GLY A 154 13.77 3.12 19.33
C GLY A 154 12.62 3.87 18.67
N PHE A 155 11.38 3.42 18.94
CA PHE A 155 10.19 4.08 18.40
C PHE A 155 9.39 4.84 19.45
N ASP A 156 8.73 5.90 19.02
CA ASP A 156 7.72 6.58 19.83
C ASP A 156 6.33 6.01 19.50
N ALA A 157 5.82 5.14 20.36
CA ALA A 157 4.50 4.52 20.14
C ALA A 157 3.34 5.50 20.18
N ARG A 158 3.56 6.68 20.76
CA ARG A 158 2.53 7.72 20.73
C ARG A 158 2.40 8.39 19.35
N ARG A 159 3.33 8.07 18.45
CA ARG A 159 3.31 8.65 17.09
C ARG A 159 3.41 7.51 16.09
N LEU A 160 2.34 6.71 16.05
CA LEU A 160 2.27 5.55 15.16
C LEU A 160 1.31 5.82 14.02
N ALA A 161 1.81 5.63 12.80
CA ALA A 161 1.00 5.76 11.58
C ALA A 161 1.00 4.41 10.86
N VAL A 162 0.01 4.24 9.99
CA VAL A 162 -0.06 3.06 9.14
C VAL A 162 -0.11 3.54 7.69
N ALA A 163 0.42 2.72 6.77
CA ALA A 163 0.54 3.17 5.40
C ALA A 163 0.58 1.97 4.50
N GLY A 164 0.20 2.17 3.25
CA GLY A 164 0.37 1.10 2.27
C GLY A 164 0.14 1.64 0.88
N SER A 165 0.41 0.78 -0.10
CA SER A 165 0.12 1.08 -1.50
C SER A 165 -0.76 -0.03 -2.02
N SER A 166 -1.83 0.35 -2.72
CA SER A 166 -2.66 -0.64 -3.45
CA SER A 166 -2.68 -0.63 -3.43
C SER A 166 -3.23 -1.66 -2.45
N ALA A 167 -3.07 -2.95 -2.73
CA ALA A 167 -3.54 -3.98 -1.79
C ALA A 167 -2.92 -3.82 -0.39
N GLY A 168 -1.68 -3.35 -0.30
CA GLY A 168 -1.13 -3.05 1.03
C GLY A 168 -1.87 -1.95 1.77
N ALA A 169 -2.42 -1.00 1.02
CA ALA A 169 -3.23 0.05 1.67
C ALA A 169 -4.55 -0.51 2.20
N THR A 170 -5.04 -1.58 1.59
CA THR A 170 -6.24 -2.29 2.10
C THR A 170 -5.94 -2.78 3.51
N LEU A 171 -4.76 -3.38 3.66
CA LEU A 171 -4.34 -3.89 4.97
C LEU A 171 -4.13 -2.73 5.95
N ALA A 172 -3.49 -1.64 5.51
CA ALA A 172 -3.29 -0.47 6.36
C ALA A 172 -4.62 0.08 6.84
N ALA A 173 -5.62 0.09 5.95
CA ALA A 173 -6.95 0.58 6.34
C ALA A 173 -7.55 -0.36 7.43
N GLY A 174 -7.24 -1.64 7.33
CA GLY A 174 -7.67 -2.59 8.39
C GLY A 174 -7.04 -2.30 9.73
N LEU A 175 -5.75 -1.98 9.73
CA LEU A 175 -5.07 -1.57 10.95
C LEU A 175 -5.70 -0.28 11.49
N ALA A 176 -5.96 0.68 10.61
CA ALA A 176 -6.61 1.93 11.05
C ALA A 176 -7.97 1.66 11.73
N HIS A 177 -8.75 0.73 11.18
CA HIS A 177 -10.05 0.38 11.76
C HIS A 177 -9.88 -0.27 13.13
N GLY A 178 -8.92 -1.20 13.26
CA GLY A 178 -8.60 -1.81 14.55
C GLY A 178 -8.19 -0.80 15.61
N ALA A 179 -7.37 0.18 15.24
CA ALA A 179 -7.04 1.24 16.18
C ALA A 179 -8.29 2.04 16.58
N ALA A 180 -9.14 2.39 15.60
CA ALA A 180 -10.37 3.18 15.89
C ALA A 180 -11.32 2.44 16.80
N ASP A 181 -11.44 1.12 16.63
CA ASP A 181 -12.35 0.34 17.45
C ASP A 181 -11.75 -0.15 18.78
N GLY A 182 -10.47 0.16 19.00
CA GLY A 182 -9.79 -0.11 20.27
C GLY A 182 -9.19 -1.52 20.40
N SER A 183 -9.27 -2.30 19.32
CA SER A 183 -8.71 -3.66 19.25
CA SER A 183 -8.70 -3.65 19.36
C SER A 183 -7.19 -3.64 19.15
N LEU A 184 -6.67 -2.51 18.66
CA LEU A 184 -5.24 -2.30 18.41
C LEU A 184 -4.80 -0.99 19.07
N PRO A 185 -3.49 -0.83 19.30
CA PRO A 185 -2.94 0.44 19.85
C PRO A 185 -3.35 1.68 19.02
N PRO A 186 -3.37 2.87 19.63
CA PRO A 186 -3.83 4.04 18.85
C PRO A 186 -2.95 4.37 17.65
N VAL A 187 -3.57 4.87 16.59
CA VAL A 187 -2.89 5.24 15.34
C VAL A 187 -3.28 6.67 15.01
N ILE A 188 -2.29 7.53 14.75
CA ILE A 188 -2.58 8.94 14.57
C ILE A 188 -2.72 9.37 13.11
N PHE A 189 -2.37 8.49 12.18
CA PHE A 189 -2.46 8.86 10.79
C PHE A 189 -2.48 7.63 9.92
N GLN A 190 -3.22 7.70 8.81
CA GLN A 190 -3.16 6.61 7.80
C GLN A 190 -2.83 7.19 6.43
N LEU A 191 -1.90 6.54 5.76
CA LEU A 191 -1.48 7.01 4.43
C LEU A 191 -1.79 5.92 3.42
N LEU A 192 -2.76 6.21 2.55
CA LEU A 192 -3.29 5.19 1.64
C LEU A 192 -2.96 5.63 0.20
N HIS A 193 -1.91 5.03 -0.35
CA HIS A 193 -1.57 5.30 -1.74
C HIS A 193 -2.26 4.33 -2.71
N GLN A 194 -2.93 4.92 -3.70
CA GLN A 194 -3.71 4.21 -4.73
C GLN A 194 -4.36 2.93 -4.14
N PRO A 195 -5.14 3.07 -3.06
CA PRO A 195 -5.64 1.89 -2.32
C PRO A 195 -6.70 1.06 -3.03
N VAL A 196 -6.57 -0.24 -2.88
CA VAL A 196 -7.61 -1.19 -3.22
C VAL A 196 -8.62 -1.13 -2.06
N LEU A 197 -9.89 -0.84 -2.34
CA LEU A 197 -10.87 -0.58 -1.28
C LEU A 197 -12.18 -1.33 -1.37
N ASP A 198 -12.60 -1.70 -2.58
CA ASP A 198 -13.97 -2.17 -2.72
C ASP A 198 -14.07 -3.24 -3.82
N ASP A 199 -14.56 -4.42 -3.45
CA ASP A 199 -14.75 -5.48 -4.46
C ASP A 199 -15.90 -5.18 -5.43
N ARG A 200 -16.80 -4.29 -5.05
CA ARG A 200 -17.95 -3.97 -5.89
C ARG A 200 -17.45 -3.15 -7.09
N PRO A 201 -17.91 -3.46 -8.29
CA PRO A 201 -17.40 -2.73 -9.50
C PRO A 201 -17.80 -1.25 -9.51
N THR A 202 -16.92 -0.41 -10.04
CA THR A 202 -17.21 1.00 -10.17
C THR A 202 -17.10 1.31 -11.64
N ALA A 203 -17.48 2.54 -11.97
CA ALA A 203 -17.42 2.98 -13.38
C ALA A 203 -15.97 2.94 -13.86
N SER A 204 -15.03 3.42 -13.04
CA SER A 204 -13.62 3.40 -13.45
C SER A 204 -13.03 1.99 -13.59
N ARG A 205 -13.51 1.03 -12.80
CA ARG A 205 -13.03 -0.35 -13.01
C ARG A 205 -13.37 -0.87 -14.40
N SER A 206 -14.59 -0.59 -14.87
CA SER A 206 -15.02 -0.98 -16.21
C SER A 206 -14.33 -0.14 -17.29
N GLU A 207 -14.24 1.17 -17.08
CA GLU A 207 -13.60 2.03 -18.05
C GLU A 207 -12.14 1.60 -18.26
N PHE A 208 -11.45 1.32 -17.14
CA PHE A 208 -10.08 0.93 -17.19
C PHE A 208 -9.93 -0.59 -17.03
N ARG A 209 -10.76 -1.33 -17.79
CA ARG A 209 -10.72 -2.77 -17.79
C ARG A 209 -9.38 -3.25 -18.31
N ALA A 210 -8.63 -2.39 -19.02
CA ALA A 210 -7.44 -2.91 -19.76
C ALA A 210 -6.28 -1.95 -19.87
N THR A 211 -6.21 -1.05 -18.92
CA THR A 211 -5.07 -0.16 -18.80
C THR A 211 -3.77 -0.95 -18.54
N PRO A 212 -2.62 -0.33 -18.87
CA PRO A 212 -1.34 -0.97 -18.52
C PRO A 212 -1.13 -1.05 -17.00
N ALA A 213 -0.23 -1.94 -16.59
CA ALA A 213 0.27 -2.10 -15.20
C ALA A 213 -0.72 -2.77 -14.24
N PHE A 214 -1.93 -2.23 -14.17
CA PHE A 214 -3.03 -2.92 -13.49
C PHE A 214 -4.32 -2.42 -14.11
N ASP A 215 -5.33 -3.29 -14.08
CA ASP A 215 -6.57 -2.96 -14.75
C ASP A 215 -7.74 -3.60 -14.05
N GLY A 216 -8.94 -3.31 -14.56
CA GLY A 216 -10.19 -3.74 -13.94
C GLY A 216 -10.39 -5.25 -13.99
N GLU A 217 -9.92 -5.86 -15.07
CA GLU A 217 -10.02 -7.31 -15.16
CA GLU A 217 -9.97 -7.33 -15.21
C GLU A 217 -9.13 -7.99 -14.11
N ALA A 218 -7.90 -7.52 -13.97
CA ALA A 218 -7.03 -8.02 -12.90
C ALA A 218 -7.63 -7.76 -11.52
N ALA A 219 -8.33 -6.64 -11.35
CA ALA A 219 -8.88 -6.31 -10.03
C ALA A 219 -9.95 -7.36 -9.64
N SER A 220 -10.73 -7.80 -10.64
CA SER A 220 -11.72 -8.83 -10.38
CA SER A 220 -11.71 -8.85 -10.39
C SER A 220 -11.06 -10.15 -9.93
N LEU A 221 -10.04 -10.59 -10.68
CA LEU A 221 -9.28 -11.80 -10.30
C LEU A 221 -8.63 -11.64 -8.93
N MET A 222 -8.06 -10.46 -8.69
CA MET A 222 -7.40 -10.14 -7.41
C MET A 222 -8.33 -10.41 -6.23
N TRP A 223 -9.55 -9.89 -6.28
CA TRP A 223 -10.51 -10.05 -5.19
C TRP A 223 -10.86 -11.53 -5.07
N ARG A 224 -10.96 -12.22 -6.21
CA ARG A 224 -11.30 -13.66 -6.11
C ARG A 224 -10.20 -14.46 -5.40
N HIS A 225 -8.93 -14.21 -5.74
CA HIS A 225 -7.83 -14.97 -5.11
C HIS A 225 -7.76 -14.69 -3.60
N TYR A 226 -7.97 -13.42 -3.24
CA TYR A 226 -7.85 -12.94 -1.88
C TYR A 226 -8.98 -13.47 -1.00
N LEU A 227 -10.21 -13.39 -1.50
CA LEU A 227 -11.37 -13.83 -0.70
C LEU A 227 -11.50 -15.35 -0.63
N ALA A 228 -11.03 -16.03 -1.66
CA ALA A 228 -11.09 -17.50 -1.75
C ALA A 228 -12.47 -18.04 -1.32
N GLY A 229 -13.53 -17.50 -1.94
CA GLY A 229 -14.90 -17.95 -1.70
C GLY A 229 -15.60 -17.41 -0.48
N GLN A 230 -14.88 -16.63 0.33
CA GLN A 230 -15.47 -16.00 1.52
C GLN A 230 -16.32 -14.84 1.11
N THR A 231 -17.43 -14.67 1.83
CA THR A 231 -18.33 -13.60 1.49
C THR A 231 -17.68 -12.27 1.90
N PRO A 232 -17.67 -11.27 0.99
CA PRO A 232 -17.05 -10.00 1.41
C PRO A 232 -17.78 -9.37 2.56
N SER A 233 -17.05 -8.65 3.39
CA SER A 233 -17.60 -7.98 4.56
C SER A 233 -16.76 -6.74 4.82
N PRO A 234 -17.20 -5.86 5.75
CA PRO A 234 -16.36 -4.68 6.06
C PRO A 234 -14.99 -5.05 6.60
N GLU A 235 -14.89 -6.26 7.18
CA GLU A 235 -13.60 -6.75 7.69
C GLU A 235 -12.59 -7.12 6.61
N SER A 236 -13.07 -7.63 5.47
CA SER A 236 -12.15 -7.92 4.37
C SER A 236 -12.06 -6.80 3.33
N VAL A 237 -13.08 -5.95 3.32
CA VAL A 237 -13.27 -4.94 2.24
C VAL A 237 -13.54 -3.61 2.91
N PRO A 238 -12.50 -2.78 3.10
CA PRO A 238 -12.71 -1.55 3.86
C PRO A 238 -13.81 -0.64 3.28
N GLY A 239 -13.99 -0.62 1.95
CA GLY A 239 -14.95 0.25 1.34
C GLY A 239 -16.37 -0.14 1.68
N ARG A 240 -16.57 -1.38 2.15
CA ARG A 240 -17.92 -1.77 2.61
C ARG A 240 -18.28 -1.32 4.05
N ARG A 241 -17.33 -0.76 4.79
CA ARG A 241 -17.61 -0.28 6.15
C ARG A 241 -18.57 0.92 6.08
N GLY A 242 -19.68 0.81 6.81
CA GLY A 242 -20.72 1.83 6.79
C GLY A 242 -20.29 3.08 7.53
N GLN A 243 -19.81 2.90 8.75
CA GLN A 243 -19.48 4.06 9.63
C GLN A 243 -17.97 4.30 9.67
N LEU A 244 -17.55 5.44 9.16
CA LEU A 244 -16.12 5.77 9.11
C LEU A 244 -15.69 6.78 10.19
N ALA A 245 -16.64 7.22 11.03
CA ALA A 245 -16.29 8.21 12.05
C ALA A 245 -15.24 7.65 12.98
N GLY A 246 -14.28 8.51 13.35
CA GLY A 246 -13.27 8.12 14.32
C GLY A 246 -12.01 7.48 13.75
N LEU A 247 -12.00 7.21 12.44
CA LEU A 247 -10.77 6.75 11.79
C LEU A 247 -9.70 7.86 11.83
N PRO A 248 -8.41 7.47 11.79
CA PRO A 248 -7.32 8.45 11.83
C PRO A 248 -7.33 9.36 10.62
N ALA A 249 -6.84 10.59 10.85
CA ALA A 249 -6.52 11.51 9.76
C ALA A 249 -5.81 10.78 8.62
N THR A 250 -6.15 11.17 7.40
CA THR A 250 -5.81 10.36 6.21
C THR A 250 -5.17 11.21 5.11
N LEU A 251 -4.17 10.62 4.42
CA LEU A 251 -3.73 11.09 3.10
C LEU A 251 -4.09 9.96 2.16
N ILE A 252 -4.85 10.28 1.11
CA ILE A 252 -5.22 9.27 0.13
C ILE A 252 -4.95 9.80 -1.27
N THR A 253 -4.27 8.99 -2.09
CA THR A 253 -3.77 9.47 -3.36
C THR A 253 -4.07 8.44 -4.47
N CYS A 254 -4.18 8.90 -5.72
CA CYS A 254 -4.37 7.94 -6.83
C CYS A 254 -4.13 8.62 -8.15
N GLY A 255 -3.58 7.88 -9.13
CA GLY A 255 -3.51 8.39 -10.51
C GLY A 255 -4.90 8.35 -11.13
N GLU A 256 -5.17 9.20 -12.11
CA GLU A 256 -6.52 9.25 -12.68
C GLU A 256 -6.81 8.12 -13.65
N ILE A 257 -5.76 7.52 -14.21
CA ILE A 257 -5.96 6.45 -15.23
C ILE A 257 -5.75 5.12 -14.54
N ASP A 258 -6.67 4.82 -13.64
CA ASP A 258 -6.45 3.73 -12.67
C ASP A 258 -7.84 3.17 -12.35
N PRO A 259 -8.02 1.85 -12.52
CA PRO A 259 -9.33 1.29 -12.18
C PRO A 259 -9.79 1.60 -10.75
N PHE A 260 -8.87 1.81 -9.80
CA PHE A 260 -9.25 2.06 -8.40
C PHE A 260 -9.61 3.52 -8.14
N ARG A 261 -9.56 4.35 -9.16
CA ARG A 261 -9.78 5.78 -8.93
C ARG A 261 -11.15 6.07 -8.31
N ASP A 262 -12.22 5.48 -8.85
CA ASP A 262 -13.55 5.85 -8.30
C ASP A 262 -13.77 5.38 -6.87
N GLU A 263 -13.27 4.19 -6.55
CA GLU A 263 -13.46 3.75 -5.13
C GLU A 263 -12.65 4.64 -4.19
N VAL A 264 -11.52 5.17 -4.69
CA VAL A 264 -10.73 6.11 -3.91
C VAL A 264 -11.53 7.38 -3.66
N LEU A 265 -12.11 7.94 -4.71
CA LEU A 265 -12.93 9.13 -4.57
C LEU A 265 -14.14 8.90 -3.64
N ASP A 266 -14.85 7.77 -3.81
CA ASP A 266 -15.99 7.43 -2.95
CA ASP A 266 -15.99 7.47 -2.94
C ASP A 266 -15.55 7.39 -1.48
N TYR A 267 -14.43 6.73 -1.23
CA TYR A 267 -13.95 6.53 0.15
C TYR A 267 -13.55 7.88 0.76
N ALA A 268 -12.83 8.67 -0.02
CA ALA A 268 -12.45 10.01 0.45
C ALA A 268 -13.68 10.86 0.83
N GLN A 269 -14.73 10.82 -0.01
CA GLN A 269 -15.90 11.65 0.29
C GLN A 269 -16.56 11.14 1.58
N ARG A 270 -16.60 9.82 1.76
CA ARG A 270 -17.19 9.26 2.97
C ARG A 270 -16.37 9.57 4.21
N LEU A 271 -15.05 9.52 4.10
CA LEU A 271 -14.19 9.92 5.22
C LEU A 271 -14.49 11.36 5.63
N LEU A 272 -14.48 12.25 4.64
CA LEU A 272 -14.80 13.66 4.88
C LEU A 272 -16.18 13.83 5.50
N GLY A 273 -17.17 13.12 4.95
CA GLY A 273 -18.55 13.19 5.48
C GLY A 273 -18.64 12.75 6.94
N ALA A 274 -17.76 11.83 7.32
CA ALA A 274 -17.73 11.28 8.68
C ALA A 274 -16.88 12.13 9.62
N GLY A 275 -16.33 13.24 9.11
CA GLY A 275 -15.57 14.17 9.95
C GLY A 275 -14.10 13.80 10.11
N VAL A 276 -13.62 12.85 9.32
CA VAL A 276 -12.19 12.48 9.36
C VAL A 276 -11.39 13.50 8.53
N SER A 277 -10.33 14.07 9.10
CA SER A 277 -9.49 15.04 8.37
C SER A 277 -8.79 14.27 7.25
N THR A 278 -9.04 14.69 6.03
CA THR A 278 -8.58 13.94 4.85
C THR A 278 -7.92 14.86 3.84
N GLU A 279 -6.73 14.46 3.42
CA GLU A 279 -6.06 15.13 2.29
C GLU A 279 -6.18 14.16 1.13
N LEU A 280 -6.65 14.66 -0.01
CA LEU A 280 -6.88 13.80 -1.16
C LEU A 280 -6.18 14.38 -2.36
N HIS A 281 -5.49 13.53 -3.14
CA HIS A 281 -4.95 13.97 -4.43
C HIS A 281 -5.17 12.97 -5.55
N ILE A 282 -5.64 13.48 -6.68
CA ILE A 282 -5.71 12.67 -7.91
C ILE A 282 -4.65 13.26 -8.84
N PHE A 283 -3.72 12.39 -9.27
CA PHE A 283 -2.62 12.82 -10.14
C PHE A 283 -2.99 12.59 -11.59
N PRO A 284 -2.87 13.63 -12.41
CA PRO A 284 -3.31 13.57 -13.83
C PRO A 284 -2.34 12.73 -14.68
N ARG A 285 -2.85 12.11 -15.74
CA ARG A 285 -2.03 11.43 -16.77
C ARG A 285 -1.14 10.31 -16.21
N ALA A 286 -1.62 9.65 -15.14
CA ALA A 286 -0.88 8.63 -14.43
C ALA A 286 -1.75 7.37 -14.21
N CYS A 287 -1.14 6.21 -14.46
CA CYS A 287 -1.77 4.89 -14.28
C CYS A 287 -1.41 4.31 -12.94
N HIS A 288 -2.08 3.23 -12.53
CA HIS A 288 -1.68 2.55 -11.30
C HIS A 288 -0.18 2.18 -11.32
N GLY A 289 0.49 2.45 -10.23
CA GLY A 289 1.88 2.05 -10.07
C GLY A 289 2.83 3.07 -10.68
N PHE A 290 2.34 4.29 -10.99
CA PHE A 290 3.17 5.30 -11.68
C PHE A 290 4.50 5.59 -10.97
N ASP A 291 4.46 5.63 -9.64
CA ASP A 291 5.66 6.00 -8.88
C ASP A 291 6.65 4.84 -8.79
N SER A 292 6.19 3.61 -9.04
CA SER A 292 7.08 2.44 -9.18
C SER A 292 7.68 2.35 -10.57
N LEU A 293 6.87 2.63 -11.59
CA LEU A 293 7.30 2.61 -12.98
C LEU A 293 8.34 3.68 -13.29
N LEU A 294 8.18 4.85 -12.69
CA LEU A 294 9.05 6.00 -12.99
C LEU A 294 9.33 6.81 -11.74
N PRO A 295 10.16 6.27 -10.82
CA PRO A 295 10.25 6.98 -9.53
C PRO A 295 10.94 8.35 -9.62
N GLU A 296 11.67 8.61 -10.71
CA GLU A 296 12.32 9.93 -10.84
C GLU A 296 11.45 10.98 -11.54
N TRP A 297 10.31 10.57 -12.06
CA TRP A 297 9.44 11.47 -12.78
C TRP A 297 8.96 12.56 -11.83
N THR A 298 8.83 13.79 -12.35
CA THR A 298 8.37 14.90 -11.51
C THR A 298 7.06 14.54 -10.77
N THR A 299 6.15 13.83 -11.44
CA THR A 299 4.88 13.48 -10.80
C THR A 299 5.06 12.52 -9.62
N SER A 300 5.92 11.51 -9.82
CA SER A 300 6.28 10.58 -8.75
C SER A 300 6.96 11.31 -7.62
N GLN A 301 7.84 12.25 -7.96
CA GLN A 301 8.50 13.03 -6.91
C GLN A 301 7.54 13.90 -6.13
N ARG A 302 6.56 14.49 -6.83
CA ARG A 302 5.53 15.27 -6.14
C ARG A 302 4.71 14.37 -5.19
N LEU A 303 4.43 13.14 -5.60
CA LEU A 303 3.79 12.17 -4.71
C LEU A 303 4.62 11.97 -3.43
N PHE A 304 5.90 11.62 -3.59
CA PHE A 304 6.79 11.38 -2.45
C PHE A 304 6.85 12.61 -1.52
N ALA A 305 6.92 13.80 -2.11
CA ALA A 305 7.06 15.02 -1.32
C ALA A 305 5.78 15.23 -0.53
N MET A 306 4.64 14.95 -1.18
CA MET A 306 3.33 15.14 -0.57
C MET A 306 3.14 14.19 0.61
N GLN A 307 3.56 12.94 0.42
CA GLN A 307 3.49 11.94 1.47
C GLN A 307 4.37 12.32 2.62
N GLY A 308 5.58 12.79 2.31
CA GLY A 308 6.54 13.20 3.37
C GLY A 308 5.99 14.32 4.22
N HIS A 309 5.36 15.29 3.58
CA HIS A 309 4.86 16.46 4.30
C HIS A 309 3.66 16.07 5.16
N ALA A 310 2.83 15.14 4.66
CA ALA A 310 1.61 14.73 5.37
C ALA A 310 1.98 14.04 6.66
N LEU A 311 2.91 13.09 6.57
CA LEU A 311 3.39 12.39 7.74
C LEU A 311 4.17 13.32 8.65
N ALA A 312 5.03 14.17 8.07
CA ALA A 312 5.84 15.04 8.94
C ALA A 312 4.93 15.97 9.75
N ASP A 313 3.87 16.46 9.13
CA ASP A 313 2.97 17.36 9.86
C ASP A 313 2.23 16.62 10.99
N ALA A 314 1.95 15.33 10.77
CA ALA A 314 1.27 14.51 11.78
C ALA A 314 2.22 14.25 12.96
N PHE A 315 3.48 13.98 12.60
CA PHE A 315 4.51 13.60 13.57
C PHE A 315 5.14 14.80 14.28
N TYR A 316 5.16 15.98 13.64
CA TYR A 316 5.84 17.15 14.19
C TYR A 316 4.92 18.37 14.04
N PRO A 317 3.79 18.35 14.77
CA PRO A 317 2.84 19.46 14.71
C PRO A 317 3.43 20.75 15.24
#